data_5U3O
#
_entry.id   5U3O
#
_cell.length_a   62.721
_cell.length_b   101.857
_cell.length_c   176.411
_cell.angle_alpha   90.00
_cell.angle_beta   90.00
_cell.angle_gamma   90.00
#
_symmetry.space_group_name_H-M   'C 2 2 21'
#
loop_
_entity.id
_entity.type
_entity.pdbx_description
1 polymer 'DH511.2_K3 Fab Heavy Chain'
2 polymer 'DH511.2_K3 Fab Light Chain'
3 polymer 'gp41 MPER peptide'
4 water water
#
loop_
_entity_poly.entity_id
_entity_poly.type
_entity_poly.pdbx_seq_one_letter_code
_entity_poly.pdbx_strand_id
1 'polypeptide(L)'
;QVQLVQSGGGLVKPGGSLTLSCSASGFFFDNSWMGWVRQAPGKGLEWVGRIRRLKDGATGEYGAAVKDRFTISRDDSRNM
LYLHMRTLKTEDSGTYYCTMDEGTPVTRFLEWGYFYYYMAVWGRGTTVIVSSASTKGPSVFPLAPSSKSTSGGTAALGCL
VKDYFPEPVTVSWNSGALTSGVHTFPAVLQSSGLYSLSSVVTVPSSSLGTQTYICNVNHKPSNTKVDKRVEPKSC
;
H
2 'polypeptide(L)'
;DIQMTQSPSFLYGSVGDRVTITCRASQNIKDYLNWYQQRPGRAPRLLIYAASNLQSGVPSRFSGSGYGTDFTLIISSLQP
EDFATYFCQESYSSTPTHIFGLGTKLEKKRTVAAPSVFIFPPSDEQLKSGTASVVCLLNNFYPREAKVQWKVDNALQSGN
SQESVTEQDSKDSTYSLSSTLTLSKADYEKHKVYACEVTHQGLSSPVTKSFNRGEC
;
L
3 'polypeptide(L)' KKKWNWFDITNWLWYIRKKK A
#
# COMPACT_ATOMS: atom_id res chain seq x y z
N GLN A 1 -14.93 24.42 -8.01
CA GLN A 1 -13.94 23.72 -7.15
C GLN A 1 -12.62 23.51 -7.90
N VAL A 2 -11.51 23.55 -7.16
CA VAL A 2 -10.21 23.24 -7.76
C VAL A 2 -10.29 21.87 -8.41
N GLN A 3 -9.91 21.81 -9.69
CA GLN A 3 -9.86 20.57 -10.44
C GLN A 3 -8.44 20.40 -10.96
N LEU A 4 -7.90 19.18 -10.79
CA LEU A 4 -6.56 18.81 -11.24
C LEU A 4 -6.70 17.51 -12.02
N VAL A 5 -6.94 17.63 -13.32
CA VAL A 5 -7.20 16.48 -14.18
C VAL A 5 -5.85 15.92 -14.65
N GLN A 6 -5.60 14.66 -14.33
CA GLN A 6 -4.31 14.04 -14.58
C GLN A 6 -4.42 13.08 -15.75
N SER A 7 -3.33 12.98 -16.51
CA SER A 7 -3.30 12.09 -17.68
C SER A 7 -1.88 11.62 -17.91
N GLY A 8 -1.74 10.66 -18.80
CA GLY A 8 -0.46 10.05 -19.08
C GLY A 8 -0.29 8.78 -18.27
N GLY A 9 0.95 8.35 -18.17
CA GLY A 9 1.24 7.18 -17.37
C GLY A 9 1.08 5.90 -18.18
N GLY A 10 0.86 4.80 -17.46
CA GLY A 10 0.70 3.51 -18.07
C GLY A 10 1.97 2.68 -17.96
N LEU A 11 2.14 1.74 -18.87
CA LEU A 11 3.27 0.81 -18.82
C LEU A 11 4.48 1.39 -19.56
N VAL A 12 5.66 1.20 -18.97
CA VAL A 12 6.91 1.63 -19.59
C VAL A 12 8.01 0.65 -19.18
N LYS A 13 8.97 0.42 -20.10
CA LYS A 13 10.06 -0.50 -19.80
C LYS A 13 11.10 0.18 -18.91
N PRO A 14 11.80 -0.59 -18.06
CA PRO A 14 12.92 -0.02 -17.31
C PRO A 14 13.93 0.62 -18.27
N GLY A 15 14.44 1.78 -17.87
CA GLY A 15 15.30 2.56 -18.71
C GLY A 15 14.57 3.52 -19.63
N GLY A 16 13.24 3.42 -19.71
CA GLY A 16 12.45 4.28 -20.56
C GLY A 16 12.12 5.61 -19.89
N SER A 17 11.32 6.40 -20.60
CA SER A 17 10.96 7.74 -20.16
CA SER A 17 10.96 7.74 -20.16
C SER A 17 9.46 7.95 -20.32
N LEU A 18 8.93 8.93 -19.57
CA LEU A 18 7.51 9.22 -19.55
C LEU A 18 7.31 10.66 -19.10
N THR A 19 6.29 11.32 -19.65
CA THR A 19 5.82 12.60 -19.14
C THR A 19 4.38 12.46 -18.63
N LEU A 20 4.15 12.86 -17.39
CA LEU A 20 2.81 12.95 -16.83
C LEU A 20 2.30 14.39 -16.92
N SER A 21 0.97 14.52 -17.08
CA SER A 21 0.31 15.81 -17.28
C SER A 21 -0.75 16.03 -16.22
N CYS A 22 -0.90 17.31 -15.82
CA CYS A 22 -1.90 17.72 -14.84
C CYS A 22 -2.53 19.01 -15.34
N SER A 23 -3.84 18.99 -15.61
CA SER A 23 -4.57 20.15 -16.12
CA SER A 23 -4.57 20.15 -16.12
C SER A 23 -5.33 20.80 -14.96
N ALA A 24 -5.01 22.05 -14.68
CA ALA A 24 -5.56 22.74 -13.52
C ALA A 24 -6.63 23.75 -13.90
N SER A 25 -7.63 23.88 -13.03
CA SER A 25 -8.67 24.89 -13.19
C SER A 25 -9.27 25.18 -11.81
N GLY A 26 -9.98 26.29 -11.73
CA GLY A 26 -10.63 26.67 -10.51
C GLY A 26 -9.82 27.53 -9.58
N PHE A 27 -8.64 27.98 -9.99
CA PHE A 27 -7.82 28.87 -9.19
C PHE A 27 -6.86 29.60 -10.11
N PHE A 28 -6.18 30.60 -9.55
CA PHE A 28 -5.19 31.39 -10.29
C PHE A 28 -3.90 30.57 -10.38
N PHE A 29 -3.81 29.78 -11.44
CA PHE A 29 -2.68 28.86 -11.62
C PHE A 29 -1.35 29.63 -11.59
N ASP A 30 -1.29 30.74 -12.33
CA ASP A 30 -0.04 31.48 -12.46
C ASP A 30 0.52 31.93 -11.11
N ASN A 31 -0.35 32.14 -10.12
CA ASN A 31 0.07 32.66 -8.81
C ASN A 31 0.26 31.54 -7.79
N SER A 32 0.40 30.29 -8.24
CA SER A 32 0.48 29.14 -7.35
C SER A 32 1.76 28.36 -7.56
N TRP A 33 2.38 27.97 -6.45
CA TRP A 33 3.35 26.87 -6.51
C TRP A 33 2.59 25.55 -6.66
N MET A 34 3.26 24.57 -7.26
CA MET A 34 2.67 23.28 -7.59
C MET A 34 3.71 22.18 -7.40
N GLY A 35 3.25 20.96 -7.20
CA GLY A 35 4.19 19.88 -6.96
C GLY A 35 3.67 18.51 -7.31
N TRP A 36 4.47 17.51 -6.96
CA TRP A 36 4.17 16.11 -7.22
C TRP A 36 4.59 15.26 -6.03
N VAL A 37 3.77 14.25 -5.74
CA VAL A 37 4.00 13.26 -4.69
C VAL A 37 3.66 11.91 -5.30
N ARG A 38 4.38 10.87 -4.88
CA ARG A 38 4.12 9.53 -5.42
C ARG A 38 3.98 8.52 -4.29
N GLN A 39 3.47 7.35 -4.67
CA GLN A 39 3.16 6.29 -3.72
C GLN A 39 3.33 4.94 -4.41
N ALA A 40 4.32 4.16 -4.01
CA ALA A 40 4.48 2.83 -4.55
C ALA A 40 3.33 1.95 -4.06
N PRO A 41 3.02 0.87 -4.78
CA PRO A 41 1.88 0.01 -4.40
C PRO A 41 2.00 -0.50 -2.98
N GLY A 42 0.97 -0.21 -2.17
CA GLY A 42 0.94 -0.64 -0.79
C GLY A 42 1.90 0.07 0.14
N LYS A 43 2.58 1.12 -0.31
CA LYS A 43 3.56 1.83 0.50
C LYS A 43 3.07 3.24 0.83
N GLY A 44 3.98 4.05 1.39
CA GLY A 44 3.65 5.38 1.86
C GLY A 44 3.95 6.45 0.82
N LEU A 45 3.71 7.69 1.21
CA LEU A 45 3.91 8.83 0.33
C LEU A 45 5.38 9.22 0.25
N GLU A 46 5.82 9.66 -0.92
CA GLU A 46 7.17 10.16 -1.15
C GLU A 46 7.06 11.44 -1.96
N TRP A 47 7.74 12.49 -1.53
CA TRP A 47 7.71 13.77 -2.23
C TRP A 47 8.60 13.73 -3.46
N VAL A 48 8.05 14.11 -4.59
CA VAL A 48 8.79 14.13 -5.86
C VAL A 48 9.42 15.49 -6.11
N GLY A 49 8.68 16.58 -5.92
CA GLY A 49 9.24 17.90 -6.11
C GLY A 49 8.15 18.96 -6.21
N ARG A 50 8.62 20.19 -6.45
CA ARG A 50 7.74 21.35 -6.56
C ARG A 50 8.34 22.35 -7.53
N ILE A 51 7.50 23.24 -8.01
CA ILE A 51 7.92 24.31 -8.93
C ILE A 51 7.28 25.62 -8.49
N ARG A 52 8.06 26.69 -8.53
CA ARG A 52 7.60 28.01 -8.12
C ARG A 52 6.91 28.73 -9.29
N ARG A 53 6.44 29.95 -9.03
CA ARG A 53 5.87 30.77 -10.09
C ARG A 53 6.96 31.20 -11.07
N LEU A 54 6.54 31.53 -12.29
CA LEU A 54 7.47 32.10 -13.26
C LEU A 54 8.14 33.35 -12.72
N LYS A 55 7.39 34.21 -12.01
CA LYS A 55 7.98 35.42 -11.49
C LYS A 55 9.00 35.14 -10.40
N ASP A 56 8.98 33.94 -9.83
CA ASP A 56 9.98 33.50 -8.87
C ASP A 56 11.20 32.88 -9.54
N GLY A 57 11.21 32.79 -10.87
CA GLY A 57 12.25 32.10 -11.59
C GLY A 57 11.88 30.70 -12.04
N ALA A 58 10.66 30.25 -11.77
CA ALA A 58 10.16 28.94 -12.21
C ALA A 58 11.04 27.80 -11.69
N THR A 59 11.68 28.03 -10.54
CA THR A 59 12.66 27.08 -10.01
C THR A 59 12.01 25.75 -9.64
N GLY A 60 12.64 24.66 -10.06
CA GLY A 60 12.23 23.33 -9.64
C GLY A 60 13.10 22.84 -8.49
N GLU A 61 12.47 22.15 -7.54
CA GLU A 61 13.17 21.50 -6.44
C GLU A 61 12.65 20.07 -6.34
N TYR A 62 13.54 19.14 -6.01
CA TYR A 62 13.27 17.72 -6.22
C TYR A 62 13.62 16.89 -5.00
N GLY A 63 12.86 15.81 -4.84
CA GLY A 63 13.14 14.85 -3.80
C GLY A 63 14.41 14.07 -4.08
N ALA A 64 15.01 13.57 -3.00
CA ALA A 64 16.32 12.93 -3.10
C ALA A 64 16.32 11.78 -4.09
N ALA A 65 15.23 11.01 -4.14
CA ALA A 65 15.21 9.79 -4.94
C ALA A 65 15.08 10.04 -6.44
N VAL A 66 14.76 11.25 -6.86
CA VAL A 66 14.41 11.49 -8.26
C VAL A 66 15.20 12.64 -8.89
N LYS A 67 16.00 13.34 -8.08
CA LYS A 67 16.59 14.61 -8.56
C LYS A 67 17.36 14.42 -9.87
N ASP A 68 18.09 13.31 -10.00
CA ASP A 68 18.94 13.14 -11.18
C ASP A 68 18.15 12.85 -12.45
N ARG A 69 16.89 12.45 -12.34
CA ARG A 69 16.17 11.85 -13.45
C ARG A 69 14.82 12.48 -13.77
N PHE A 70 14.35 13.43 -12.96
CA PHE A 70 13.02 14.01 -13.12
C PHE A 70 13.13 15.52 -13.29
N THR A 71 12.21 16.09 -14.07
CA THR A 71 12.08 17.53 -14.23
C THR A 71 10.60 17.89 -14.14
N ILE A 72 10.29 18.96 -13.38
CA ILE A 72 8.94 19.53 -13.35
C ILE A 72 8.95 20.78 -14.22
N SER A 73 7.92 20.93 -15.06
CA SER A 73 7.76 22.14 -15.85
C SER A 73 6.32 22.59 -15.78
N ARG A 74 6.09 23.85 -16.13
CA ARG A 74 4.75 24.41 -16.10
C ARG A 74 4.55 25.24 -17.37
N ASP A 75 3.31 25.27 -17.84
CA ASP A 75 2.92 26.10 -18.98
C ASP A 75 1.72 26.92 -18.50
N ASP A 76 2.00 28.14 -18.03
CA ASP A 76 0.94 28.99 -17.48
C ASP A 76 -0.10 29.35 -18.54
N SER A 77 0.27 29.38 -19.81
CA SER A 77 -0.68 29.77 -20.86
C SER A 77 -1.76 28.73 -21.09
N ARG A 78 -1.53 27.49 -20.63
CA ARG A 78 -2.49 26.41 -20.78
C ARG A 78 -2.90 25.79 -19.44
N ASN A 79 -2.45 26.37 -18.32
CA ASN A 79 -2.75 25.84 -16.99
C ASN A 79 -2.32 24.39 -16.87
N MET A 80 -1.14 24.08 -17.39
CA MET A 80 -0.62 22.72 -17.43
C MET A 80 0.60 22.58 -16.53
N LEU A 81 0.65 21.48 -15.79
CA LEU A 81 1.80 21.07 -15.01
C LEU A 81 2.28 19.73 -15.52
N TYR A 82 3.60 19.55 -15.64
CA TYR A 82 4.18 18.34 -16.18
C TYR A 82 5.23 17.75 -15.23
N LEU A 83 5.35 16.43 -15.29
CA LEU A 83 6.46 15.72 -14.67
C LEU A 83 7.14 14.89 -15.75
N HIS A 84 8.38 15.23 -16.07
CA HIS A 84 9.18 14.55 -17.07
C HIS A 84 10.13 13.59 -16.38
N MET A 85 10.04 12.30 -16.73
CA MET A 85 10.81 11.26 -16.08
C MET A 85 11.64 10.51 -17.11
N ARG A 86 12.89 10.21 -16.77
CA ARG A 86 13.77 9.42 -17.63
C ARG A 86 14.43 8.32 -16.83
N THR A 87 15.01 7.37 -17.57
CA THR A 87 15.75 6.25 -16.99
C THR A 87 14.97 5.61 -15.85
N LEU A 88 13.74 5.22 -16.14
CA LEU A 88 12.83 4.75 -15.11
C LEU A 88 13.26 3.38 -14.60
N LYS A 89 12.99 3.16 -13.32
CA LYS A 89 13.33 1.93 -12.61
C LYS A 89 12.05 1.29 -12.10
N THR A 90 12.12 -0.02 -11.84
CA THR A 90 10.92 -0.70 -11.35
C THR A 90 10.40 -0.02 -10.09
N GLU A 91 11.29 0.48 -9.23
CA GLU A 91 10.85 1.10 -7.98
C GLU A 91 10.22 2.48 -8.19
N ASP A 92 10.26 3.02 -9.41
CA ASP A 92 9.48 4.22 -9.74
C ASP A 92 8.01 3.91 -9.98
N SER A 93 7.61 2.65 -9.97
CA SER A 93 6.22 2.31 -10.18
C SER A 93 5.36 2.82 -9.03
N GLY A 94 4.14 3.22 -9.34
CA GLY A 94 3.21 3.62 -8.32
C GLY A 94 2.25 4.68 -8.83
N THR A 95 1.57 5.32 -7.89
CA THR A 95 0.61 6.38 -8.19
C THR A 95 1.27 7.75 -7.99
N TYR A 96 1.09 8.63 -8.97
CA TYR A 96 1.70 9.96 -8.97
C TYR A 96 0.59 11.00 -8.85
N TYR A 97 0.63 11.80 -7.79
CA TYR A 97 -0.38 12.83 -7.53
C TYR A 97 0.21 14.20 -7.83
N CYS A 98 -0.50 15.01 -8.61
CA CYS A 98 -0.13 16.42 -8.69
C CYS A 98 -0.81 17.17 -7.54
N THR A 99 -0.17 18.25 -7.11
CA THR A 99 -0.64 19.01 -5.98
C THR A 99 -0.59 20.50 -6.25
N MET A 100 -1.64 21.19 -5.82
CA MET A 100 -1.63 22.65 -5.71
C MET A 100 -1.14 22.99 -4.32
N ASP A 101 -0.02 23.70 -4.23
CA ASP A 101 0.67 23.96 -2.97
C ASP A 101 0.40 25.38 -2.48
N GLU A 102 0.48 25.54 -1.17
CA GLU A 102 0.29 26.83 -0.52
C GLU A 102 1.35 26.98 0.57
N GLY A 103 1.49 28.21 1.05
CA GLY A 103 2.43 28.48 2.13
C GLY A 103 1.92 29.56 3.06
N THR A 104 2.55 29.63 4.24
CA THR A 104 2.25 30.67 5.21
C THR A 104 3.59 31.21 5.73
N PRO A 105 3.81 32.53 5.70
CA PRO A 105 5.06 33.05 6.24
C PRO A 105 5.19 32.73 7.72
N VAL A 106 6.42 32.36 8.13
CA VAL A 106 6.73 32.27 9.55
C VAL A 106 6.85 33.68 10.11
N THR A 107 6.20 33.93 11.25
CA THR A 107 6.18 35.28 11.84
C THR A 107 7.09 35.42 13.05
N ARG A 108 7.71 34.36 13.54
CA ARG A 108 8.78 34.50 14.52
C ARG A 108 9.92 35.29 13.90
N PHE A 109 10.37 36.34 14.60
CA PHE A 109 11.28 37.30 14.00
C PHE A 109 12.53 36.63 13.43
N LEU A 110 13.17 35.78 14.22
CA LEU A 110 14.41 35.15 13.77
C LEU A 110 14.21 34.21 12.59
N GLU A 111 12.96 33.91 12.23
CA GLU A 111 12.66 33.06 11.10
C GLU A 111 11.92 33.82 10.00
N TRP A 112 11.91 35.15 10.06
CA TRP A 112 11.43 35.95 8.95
C TRP A 112 12.20 35.60 7.68
N GLY A 113 11.47 35.29 6.61
CA GLY A 113 12.07 34.80 5.38
C GLY A 113 11.87 33.32 5.13
N TYR A 114 11.44 32.57 6.14
CA TYR A 114 11.09 31.16 5.99
C TYR A 114 9.57 31.03 5.96
N PHE A 115 9.10 29.86 5.53
CA PHE A 115 7.67 29.67 5.34
C PHE A 115 7.27 28.24 5.70
N TYR A 116 6.01 28.10 6.15
CA TYR A 116 5.35 26.81 6.25
C TYR A 116 4.77 26.46 4.88
N TYR A 117 5.12 25.28 4.37
CA TYR A 117 4.68 24.84 3.06
C TYR A 117 3.85 23.57 3.21
N TYR A 118 2.82 23.43 2.38
CA TYR A 118 1.94 22.27 2.47
C TYR A 118 1.27 22.04 1.12
N MET A 119 0.90 20.78 0.88
CA MET A 119 0.20 20.39 -0.34
C MET A 119 -1.29 20.48 -0.07
N ALA A 120 -1.92 21.53 -0.58
CA ALA A 120 -3.27 21.92 -0.16
C ALA A 120 -4.37 21.18 -0.89
N VAL A 121 -4.20 20.90 -2.19
CA VAL A 121 -5.19 20.17 -2.98
C VAL A 121 -4.46 19.16 -3.84
N TRP A 122 -4.95 17.91 -3.84
CA TRP A 122 -4.29 16.79 -4.52
C TRP A 122 -5.18 16.26 -5.64
N GLY A 123 -4.55 15.94 -6.77
CA GLY A 123 -5.24 15.26 -7.84
C GLY A 123 -5.49 13.80 -7.51
N ARG A 124 -6.31 13.15 -8.34
CA ARG A 124 -6.70 11.75 -8.11
C ARG A 124 -5.56 10.79 -8.35
N GLY A 125 -4.53 11.18 -9.09
CA GLY A 125 -3.38 10.33 -9.28
C GLY A 125 -3.36 9.66 -10.64
N THR A 126 -2.15 9.33 -11.10
CA THR A 126 -1.91 8.63 -12.35
C THR A 126 -1.05 7.42 -12.03
N THR A 127 -1.40 6.27 -12.58
CA THR A 127 -0.65 5.04 -12.34
C THR A 127 0.46 4.88 -13.36
N VAL A 128 1.65 4.57 -12.86
CA VAL A 128 2.82 4.26 -13.67
C VAL A 128 3.29 2.87 -13.28
N ILE A 129 3.49 2.02 -14.28
CA ILE A 129 4.02 0.67 -14.07
C ILE A 129 5.30 0.57 -14.91
N VAL A 130 6.43 0.38 -14.24
CA VAL A 130 7.72 0.20 -14.90
C VAL A 130 8.08 -1.28 -14.80
N SER A 131 8.11 -1.96 -15.95
CA SER A 131 8.26 -3.41 -15.95
C SER A 131 8.75 -3.87 -17.31
N SER A 132 9.58 -4.92 -17.28
CA SER A 132 10.05 -5.61 -18.48
C SER A 132 9.12 -6.75 -18.90
N ALA A 133 8.09 -7.05 -18.12
CA ALA A 133 7.28 -8.22 -18.35
C ALA A 133 6.44 -8.07 -19.63
N SER A 134 6.19 -9.20 -20.28
CA SER A 134 5.24 -9.30 -21.38
C SER A 134 3.89 -9.78 -20.86
N THR A 135 2.83 -9.38 -21.55
CA THR A 135 1.50 -9.87 -21.23
C THR A 135 1.48 -11.38 -21.22
N LYS A 136 0.86 -11.94 -20.17
CA LYS A 136 0.86 -13.39 -20.00
C LYS A 136 -0.31 -13.76 -19.10
N GLY A 137 -1.06 -14.79 -19.50
CA GLY A 137 -2.14 -15.29 -18.69
C GLY A 137 -1.65 -16.22 -17.60
N PRO A 138 -2.45 -16.40 -16.55
CA PRO A 138 -2.01 -17.19 -15.41
C PRO A 138 -2.11 -18.69 -15.64
N SER A 139 -1.27 -19.43 -14.92
CA SER A 139 -1.55 -20.82 -14.60
C SER A 139 -2.37 -20.85 -13.32
N VAL A 140 -3.26 -21.83 -13.22
CA VAL A 140 -4.15 -21.93 -12.07
C VAL A 140 -3.98 -23.31 -11.45
N PHE A 141 -3.51 -23.34 -10.20
CA PHE A 141 -3.23 -24.59 -9.52
C PHE A 141 -4.16 -24.75 -8.33
N PRO A 142 -4.50 -25.99 -7.99
CA PRO A 142 -5.43 -26.20 -6.88
C PRO A 142 -4.73 -26.11 -5.53
N LEU A 143 -5.44 -25.55 -4.57
CA LEU A 143 -5.09 -25.66 -3.16
C LEU A 143 -6.07 -26.69 -2.61
N ALA A 144 -5.63 -27.95 -2.63
CA ALA A 144 -6.55 -29.07 -2.43
C ALA A 144 -6.83 -29.28 -0.94
N PRO A 145 -8.09 -29.51 -0.56
CA PRO A 145 -8.38 -29.75 0.85
C PRO A 145 -7.86 -31.12 1.29
N SER A 146 -7.38 -31.19 2.52
CA SER A 146 -6.80 -32.41 3.05
C SER A 146 -6.93 -32.41 4.57
N SER A 147 -6.38 -33.46 5.19
CA SER A 147 -6.34 -33.49 6.65
C SER A 147 -5.52 -32.35 7.22
N LYS A 148 -4.68 -31.71 6.41
CA LYS A 148 -3.84 -30.61 6.88
C LYS A 148 -4.44 -29.24 6.57
N SER A 149 -5.66 -29.19 6.03
CA SER A 149 -6.38 -27.93 5.85
C SER A 149 -7.77 -28.03 6.45
N THR A 150 -7.89 -28.70 7.60
CA THR A 150 -9.12 -28.71 8.38
C THR A 150 -8.97 -27.79 9.58
N SER A 151 -10.11 -27.32 10.06
CA SER A 151 -10.20 -26.56 11.30
C SER A 151 -11.58 -26.81 11.87
N GLY A 152 -11.64 -27.44 13.04
CA GLY A 152 -12.92 -27.82 13.57
C GLY A 152 -13.62 -28.74 12.59
N GLY A 153 -14.89 -28.42 12.30
CA GLY A 153 -15.69 -29.17 11.34
C GLY A 153 -15.64 -28.62 9.93
N THR A 154 -14.65 -27.77 9.64
CA THR A 154 -14.53 -27.13 8.33
C THR A 154 -13.22 -27.49 7.65
N ALA A 155 -13.19 -27.25 6.35
CA ALA A 155 -12.00 -27.43 5.54
C ALA A 155 -11.79 -26.18 4.69
N ALA A 156 -10.52 -25.89 4.41
CA ALA A 156 -10.15 -24.83 3.49
C ALA A 156 -9.67 -25.44 2.16
N LEU A 157 -9.99 -24.75 1.08
CA LEU A 157 -9.55 -25.10 -0.26
C LEU A 157 -9.38 -23.81 -1.04
N GLY A 158 -8.77 -23.90 -2.21
CA GLY A 158 -8.60 -22.68 -2.98
C GLY A 158 -7.91 -22.92 -4.29
N CYS A 159 -7.54 -21.81 -4.93
CA CYS A 159 -6.77 -21.84 -6.15
C CYS A 159 -5.63 -20.85 -6.07
N LEU A 160 -4.49 -21.26 -6.59
CA LEU A 160 -3.30 -20.44 -6.72
C LEU A 160 -3.22 -19.95 -8.15
N VAL A 161 -3.29 -18.64 -8.35
CA VAL A 161 -3.34 -18.01 -9.67
C VAL A 161 -1.96 -17.40 -9.90
N LYS A 162 -1.14 -18.06 -10.72
CA LYS A 162 0.29 -17.81 -10.72
C LYS A 162 0.81 -17.37 -12.09
N ASP A 163 1.73 -16.39 -12.05
CA ASP A 163 2.55 -15.98 -13.18
C ASP A 163 1.74 -15.31 -14.29
N TYR A 164 1.10 -14.19 -13.97
CA TYR A 164 0.40 -13.40 -14.96
C TYR A 164 0.91 -11.97 -14.98
N PHE A 165 0.66 -11.29 -16.10
CA PHE A 165 0.99 -9.88 -16.22
C PHE A 165 0.15 -9.28 -17.34
N PRO A 166 -0.34 -8.04 -17.20
CA PRO A 166 -0.30 -7.19 -16.01
C PRO A 166 -1.46 -7.54 -15.09
N GLU A 167 -1.64 -6.75 -14.03
CA GLU A 167 -2.86 -6.82 -13.26
C GLU A 167 -4.01 -6.27 -14.10
N PRO A 168 -5.25 -6.63 -13.79
CA PRO A 168 -5.71 -7.51 -12.71
C PRO A 168 -6.21 -8.87 -13.20
N VAL A 169 -6.43 -9.80 -12.27
CA VAL A 169 -7.27 -10.97 -12.50
C VAL A 169 -8.50 -10.80 -11.63
N THR A 170 -9.58 -11.46 -12.05
CA THR A 170 -10.76 -11.64 -11.20
C THR A 170 -10.95 -13.12 -10.94
N VAL A 171 -11.46 -13.43 -9.75
CA VAL A 171 -11.73 -14.80 -9.34
C VAL A 171 -13.12 -14.86 -8.75
N SER A 172 -13.92 -15.82 -9.21
CA SER A 172 -15.17 -16.16 -8.56
C SER A 172 -15.16 -17.65 -8.26
N TRP A 173 -16.11 -18.09 -7.45
CA TRP A 173 -16.27 -19.50 -7.11
C TRP A 173 -17.65 -19.96 -7.54
N ASN A 174 -17.70 -21.10 -8.22
CA ASN A 174 -18.95 -21.68 -8.69
C ASN A 174 -19.81 -20.65 -9.43
N SER A 175 -19.14 -19.90 -10.32
CA SER A 175 -19.81 -18.92 -11.18
C SER A 175 -20.53 -17.85 -10.39
N GLY A 176 -20.01 -17.51 -9.21
CA GLY A 176 -20.61 -16.51 -8.36
C GLY A 176 -21.62 -17.03 -7.38
N ALA A 177 -21.94 -18.32 -7.43
CA ALA A 177 -22.88 -18.90 -6.47
C ALA A 177 -22.29 -19.01 -5.07
N LEU A 178 -20.97 -19.06 -4.94
CA LEU A 178 -20.30 -19.24 -3.65
C LEU A 178 -19.56 -17.96 -3.31
N THR A 179 -20.01 -17.25 -2.27
CA THR A 179 -19.34 -16.02 -1.86
C THR A 179 -19.00 -16.03 -0.38
N SER A 180 -19.80 -16.74 0.42
CA SER A 180 -19.57 -16.78 1.86
C SER A 180 -18.29 -17.53 2.18
N GLY A 181 -17.45 -16.93 3.02
CA GLY A 181 -16.19 -17.55 3.42
C GLY A 181 -15.07 -17.47 2.41
N VAL A 182 -15.25 -16.75 1.31
CA VAL A 182 -14.20 -16.59 0.30
C VAL A 182 -13.27 -15.46 0.72
N HIS A 183 -11.97 -15.70 0.61
CA HIS A 183 -10.95 -14.66 0.71
C HIS A 183 -10.09 -14.70 -0.53
N THR A 184 -10.12 -13.64 -1.32
CA THR A 184 -9.23 -13.50 -2.46
C THR A 184 -8.19 -12.45 -2.10
N PHE A 185 -6.94 -12.86 -2.08
CA PHE A 185 -5.85 -12.07 -1.53
C PHE A 185 -5.35 -11.07 -2.56
N PRO A 186 -4.79 -9.96 -2.09
CA PRO A 186 -4.10 -9.05 -3.00
C PRO A 186 -2.97 -9.78 -3.72
N ALA A 187 -2.77 -9.41 -4.98
CA ALA A 187 -1.68 -9.96 -5.76
C ALA A 187 -0.34 -9.51 -5.18
N VAL A 188 0.66 -10.36 -5.36
CA VAL A 188 2.04 -10.05 -5.01
CA VAL A 188 2.04 -10.03 -5.01
C VAL A 188 2.87 -10.05 -6.28
N LEU A 189 3.84 -9.15 -6.34
CA LEU A 189 4.77 -9.09 -7.46
C LEU A 189 5.97 -9.97 -7.13
N GLN A 190 6.23 -10.98 -7.95
CA GLN A 190 7.32 -11.91 -7.77
C GLN A 190 8.62 -11.38 -8.36
N SER A 191 9.73 -12.00 -7.98
CA SER A 191 11.06 -11.62 -8.48
C SER A 191 11.12 -11.72 -10.00
N SER A 192 10.29 -12.57 -10.60
CA SER A 192 10.23 -12.72 -12.04
C SER A 192 9.60 -11.53 -12.74
N GLY A 193 8.93 -10.64 -12.01
CA GLY A 193 8.16 -9.59 -12.63
C GLY A 193 6.72 -9.97 -12.93
N LEU A 194 6.33 -11.21 -12.63
CA LEU A 194 4.97 -11.67 -12.82
C LEU A 194 4.23 -11.68 -11.49
N TYR A 195 2.92 -11.53 -11.57
CA TYR A 195 2.08 -11.50 -10.38
C TYR A 195 1.58 -12.88 -10.01
N SER A 196 1.21 -13.03 -8.74
CA SER A 196 0.58 -14.23 -8.24
C SER A 196 -0.44 -13.84 -7.17
N LEU A 197 -1.54 -14.58 -7.10
CA LEU A 197 -2.44 -14.42 -5.97
C LEU A 197 -3.15 -15.74 -5.71
N SER A 198 -3.71 -15.84 -4.51
CA SER A 198 -4.46 -17.01 -4.10
C SER A 198 -5.87 -16.58 -3.73
N SER A 199 -6.82 -17.47 -3.98
CA SER A 199 -8.20 -17.31 -3.53
C SER A 199 -8.58 -18.56 -2.77
N VAL A 200 -9.11 -18.40 -1.56
CA VAL A 200 -9.44 -19.52 -0.68
C VAL A 200 -10.88 -19.40 -0.20
N VAL A 201 -11.41 -20.53 0.25
CA VAL A 201 -12.73 -20.55 0.84
C VAL A 201 -12.75 -21.65 1.90
N THR A 202 -13.48 -21.41 2.99
CA THR A 202 -13.71 -22.43 4.00
C THR A 202 -15.15 -22.91 3.89
N VAL A 203 -15.31 -24.23 3.95
CA VAL A 203 -16.61 -24.88 3.79
C VAL A 203 -16.77 -25.94 4.86
N PRO A 204 -17.99 -26.37 5.12
CA PRO A 204 -18.19 -27.53 6.01
C PRO A 204 -17.52 -28.75 5.41
N SER A 205 -16.85 -29.53 6.26
CA SER A 205 -16.27 -30.80 5.80
C SER A 205 -17.34 -31.68 5.16
N SER A 206 -18.57 -31.61 5.69
CA SER A 206 -19.68 -32.40 5.17
C SER A 206 -20.01 -32.07 3.73
N SER A 207 -19.57 -30.93 3.21
CA SER A 207 -19.88 -30.56 1.83
CA SER A 207 -19.87 -30.54 1.83
C SER A 207 -18.88 -31.09 0.82
N LEU A 208 -17.70 -31.52 1.25
CA LEU A 208 -16.67 -31.95 0.30
C LEU A 208 -17.08 -33.19 -0.49
N GLY A 209 -17.91 -34.06 0.09
CA GLY A 209 -18.30 -35.26 -0.60
C GLY A 209 -19.34 -35.04 -1.68
N THR A 210 -20.14 -33.97 -1.56
CA THR A 210 -21.30 -33.77 -2.40
C THR A 210 -21.27 -32.51 -3.24
N GLN A 211 -20.51 -31.49 -2.85
CA GLN A 211 -20.48 -30.20 -3.53
C GLN A 211 -19.20 -30.06 -4.34
N THR A 212 -19.36 -29.59 -5.57
CA THR A 212 -18.22 -29.30 -6.44
C THR A 212 -17.77 -27.87 -6.25
N TYR A 213 -16.46 -27.65 -6.28
CA TYR A 213 -15.86 -26.35 -6.10
C TYR A 213 -14.98 -26.04 -7.30
N ILE A 214 -15.34 -24.97 -8.01
CA ILE A 214 -14.64 -24.54 -9.21
C ILE A 214 -14.33 -23.06 -9.06
N CYS A 215 -13.07 -22.69 -9.22
CA CYS A 215 -12.70 -21.30 -9.23
C CYS A 215 -12.62 -20.82 -10.67
N ASN A 216 -13.24 -19.68 -10.94
CA ASN A 216 -13.36 -19.12 -12.27
C ASN A 216 -12.44 -17.91 -12.34
N VAL A 217 -11.40 -18.00 -13.17
CA VAL A 217 -10.34 -17.00 -13.23
C VAL A 217 -10.43 -16.29 -14.58
N ASN A 218 -10.45 -14.96 -14.55
CA ASN A 218 -10.48 -14.17 -15.78
C ASN A 218 -9.32 -13.20 -15.77
N HIS A 219 -8.53 -13.20 -16.84
CA HIS A 219 -7.43 -12.27 -17.03
C HIS A 219 -7.67 -11.56 -18.36
N LYS A 220 -8.39 -10.45 -18.30
CA LYS A 220 -8.75 -9.73 -19.51
C LYS A 220 -7.54 -9.30 -20.34
N PRO A 221 -6.44 -8.82 -19.76
CA PRO A 221 -5.35 -8.31 -20.61
C PRO A 221 -4.82 -9.32 -21.62
N SER A 222 -4.82 -10.61 -21.27
CA SER A 222 -4.40 -11.67 -22.17
C SER A 222 -5.58 -12.42 -22.78
N ASN A 223 -6.81 -11.99 -22.50
CA ASN A 223 -8.02 -12.67 -22.94
C ASN A 223 -7.98 -14.14 -22.56
N THR A 224 -7.64 -14.42 -21.31
CA THR A 224 -7.53 -15.78 -20.80
C THR A 224 -8.58 -16.00 -19.71
N LYS A 225 -9.34 -17.09 -19.85
CA LYS A 225 -10.26 -17.56 -18.81
C LYS A 225 -9.93 -19.00 -18.49
N VAL A 226 -9.96 -19.33 -17.20
CA VAL A 226 -9.70 -20.68 -16.72
C VAL A 226 -10.76 -21.04 -15.69
N ASP A 227 -11.26 -22.27 -15.76
CA ASP A 227 -12.09 -22.86 -14.70
C ASP A 227 -11.32 -24.03 -14.12
N LYS A 228 -11.00 -23.96 -12.82
CA LYS A 228 -10.25 -25.01 -12.15
C LYS A 228 -11.13 -25.69 -11.10
N ARG A 229 -11.39 -26.98 -11.32
CA ARG A 229 -12.07 -27.79 -10.32
C ARG A 229 -11.06 -28.24 -9.28
N VAL A 230 -11.41 -28.08 -8.00
CA VAL A 230 -10.52 -28.37 -6.88
C VAL A 230 -11.08 -29.56 -6.12
N GLU A 231 -10.32 -30.67 -6.12
CA GLU A 231 -10.71 -31.92 -5.46
C GLU A 231 -9.85 -32.20 -4.22
N PRO A 232 -10.37 -32.94 -3.25
CA PRO A 232 -9.55 -33.31 -2.08
C PRO A 232 -8.34 -34.15 -2.45
N LYS A 233 -7.30 -34.04 -1.61
CA LYS A 233 -6.04 -34.74 -1.77
C LYS A 233 -5.59 -35.30 -0.43
N SER A 234 -4.98 -36.47 -0.44
CA SER A 234 -4.49 -37.08 0.79
C SER A 234 -3.18 -36.41 1.20
N CYS A 235 -3.15 -35.84 2.41
CA CYS A 235 -1.96 -35.17 2.92
C CYS A 235 -1.92 -35.22 4.45
N ASP B 1 20.26 14.09 7.57
CA ASP B 1 18.94 13.59 7.10
C ASP B 1 17.95 13.64 8.27
N ILE B 2 16.71 14.07 8.02
CA ILE B 2 15.67 14.06 9.03
C ILE B 2 14.84 12.81 8.85
N GLN B 3 14.68 12.05 9.91
CA GLN B 3 13.91 10.81 9.92
C GLN B 3 12.64 11.04 10.72
N MET B 4 11.48 10.77 10.11
CA MET B 4 10.18 10.87 10.77
C MET B 4 9.69 9.47 11.10
N THR B 5 9.43 9.21 12.38
CA THR B 5 8.95 7.91 12.84
C THR B 5 7.53 8.05 13.34
N GLN B 6 6.60 7.37 12.67
CA GLN B 6 5.18 7.47 12.97
C GLN B 6 4.72 6.21 13.68
N SER B 7 3.90 6.36 14.70
CA SER B 7 3.38 5.21 15.44
C SER B 7 1.96 5.46 15.89
N PRO B 8 1.14 4.40 16.00
CA PRO B 8 1.43 3.02 15.62
C PRO B 8 1.24 2.79 14.12
N SER B 9 1.70 1.66 13.60
CA SER B 9 1.46 1.34 12.20
C SER B 9 -0.02 1.03 11.97
N PHE B 10 -0.65 0.33 12.91
CA PHE B 10 -2.07 0.02 12.86
C PHE B 10 -2.68 0.44 14.18
N LEU B 11 -3.72 1.26 14.11
CA LEU B 11 -4.43 1.78 15.27
C LEU B 11 -5.86 1.27 15.20
N TYR B 12 -6.36 0.75 16.32
CA TYR B 12 -7.67 0.12 16.36
C TYR B 12 -8.62 0.95 17.21
N GLY B 13 -9.77 1.30 16.64
CA GLY B 13 -10.71 2.13 17.36
C GLY B 13 -12.14 1.81 16.97
N SER B 14 -13.07 2.28 17.81
CA SER B 14 -14.50 2.18 17.57
C SER B 14 -15.08 3.57 17.36
N VAL B 15 -16.19 3.64 16.62
CA VAL B 15 -16.86 4.91 16.38
C VAL B 15 -17.13 5.57 17.71
N GLY B 16 -16.84 6.87 17.80
CA GLY B 16 -17.00 7.62 19.03
C GLY B 16 -15.76 7.69 19.91
N ASP B 17 -14.78 6.82 19.66
CA ASP B 17 -13.55 6.80 20.43
C ASP B 17 -12.69 8.03 20.16
N ARG B 18 -11.88 8.39 21.16
CA ARG B 18 -10.76 9.30 20.98
C ARG B 18 -9.51 8.48 20.71
N VAL B 19 -8.81 8.76 19.61
CA VAL B 19 -7.61 8.05 19.24
C VAL B 19 -6.48 9.04 19.00
N THR B 20 -5.25 8.56 19.21
CA THR B 20 -4.06 9.40 19.15
C THR B 20 -3.03 8.76 18.22
N ILE B 21 -2.50 9.56 17.31
CA ILE B 21 -1.43 9.16 16.40
C ILE B 21 -0.23 10.03 16.69
N THR B 22 0.95 9.42 16.76
CA THR B 22 2.18 10.14 17.11
C THR B 22 3.19 10.09 15.98
N CYS B 23 3.99 11.15 15.90
CA CYS B 23 5.06 11.27 14.92
C CYS B 23 6.25 11.90 15.65
N ARG B 24 7.43 11.29 15.52
CA ARG B 24 8.63 11.81 16.16
C ARG B 24 9.69 12.12 15.11
N ALA B 25 10.23 13.34 15.17
CA ALA B 25 11.31 13.76 14.29
C ALA B 25 12.66 13.51 14.96
N SER B 26 13.63 13.07 14.16
CA SER B 26 14.95 12.74 14.66
C SER B 26 15.74 13.96 15.11
N GLN B 27 15.30 15.17 14.75
CA GLN B 27 15.90 16.39 15.24
C GLN B 27 14.80 17.44 15.38
N ASN B 28 15.13 18.53 16.07
CA ASN B 28 14.16 19.59 16.32
C ASN B 28 13.76 20.25 15.01
N ILE B 29 12.47 20.20 14.70
CA ILE B 29 11.91 20.85 13.51
C ILE B 29 10.85 21.87 13.89
N LYS B 30 10.82 22.30 15.16
CA LYS B 30 9.89 23.31 15.64
C LYS B 30 8.47 22.92 15.29
N ASP B 31 7.73 23.77 14.56
CA ASP B 31 6.37 23.45 14.17
C ASP B 31 6.22 23.25 12.67
N TYR B 32 7.30 22.90 11.96
CA TYR B 32 7.25 22.66 10.52
C TYR B 32 6.82 21.22 10.26
N LEU B 33 5.52 20.97 10.40
CA LEU B 33 4.98 19.63 10.27
C LEU B 33 3.53 19.68 9.83
N ASN B 34 3.18 18.80 8.88
CA ASN B 34 1.83 18.70 8.37
C ASN B 34 1.30 17.28 8.57
N TRP B 35 -0.03 17.17 8.59
CA TRP B 35 -0.71 15.88 8.64
C TRP B 35 -1.65 15.76 7.46
N TYR B 36 -1.66 14.56 6.85
CA TYR B 36 -2.52 14.24 5.72
C TYR B 36 -3.36 13.00 6.02
N GLN B 37 -4.52 12.93 5.37
CA GLN B 37 -5.42 11.80 5.49
C GLN B 37 -5.66 11.19 4.11
N GLN B 38 -5.51 9.89 4.01
CA GLN B 38 -5.79 9.17 2.77
C GLN B 38 -6.90 8.16 3.06
N ARG B 39 -8.10 8.48 2.60
CA ARG B 39 -9.23 7.59 2.75
C ARG B 39 -9.21 6.52 1.67
N PRO B 40 -9.82 5.37 1.94
CA PRO B 40 -9.76 4.26 0.98
C PRO B 40 -10.18 4.66 -0.43
N GLY B 41 -9.32 4.36 -1.40
CA GLY B 41 -9.62 4.62 -2.79
C GLY B 41 -9.63 6.08 -3.18
N ARG B 42 -9.11 6.97 -2.35
CA ARG B 42 -9.13 8.39 -2.64
C ARG B 42 -7.74 8.97 -2.51
N ALA B 43 -7.54 10.14 -3.11
CA ALA B 43 -6.28 10.83 -3.00
C ALA B 43 -6.12 11.41 -1.60
N PRO B 44 -4.90 11.64 -1.16
CA PRO B 44 -4.69 12.25 0.15
C PRO B 44 -5.29 13.64 0.23
N ARG B 45 -5.57 14.08 1.47
CA ARG B 45 -6.00 15.44 1.71
C ARG B 45 -5.30 16.00 2.93
N LEU B 46 -5.05 17.30 2.90
CA LEU B 46 -4.42 18.00 4.00
C LEU B 46 -5.40 18.16 5.16
N LEU B 47 -4.96 17.78 6.36
CA LEU B 47 -5.71 17.98 7.60
C LEU B 47 -5.19 19.15 8.42
N ILE B 48 -3.89 19.14 8.70
CA ILE B 48 -3.26 20.06 9.63
C ILE B 48 -1.98 20.58 9.00
N TYR B 49 -1.72 21.88 9.12
CA TYR B 49 -0.43 22.41 8.71
C TYR B 49 0.19 23.20 9.85
N ALA B 50 1.52 23.29 9.83
CA ALA B 50 2.28 23.95 10.87
C ALA B 50 1.86 23.45 12.25
N ALA B 51 1.76 22.13 12.37
CA ALA B 51 1.62 21.39 13.61
C ALA B 51 0.20 21.42 14.20
N SER B 52 -0.49 22.56 14.15
CA SER B 52 -1.76 22.69 14.87
C SER B 52 -2.87 23.41 14.11
N ASN B 53 -2.63 23.88 12.90
CA ASN B 53 -3.62 24.68 12.18
C ASN B 53 -4.50 23.77 11.32
N LEU B 54 -5.81 23.82 11.56
CA LEU B 54 -6.75 23.03 10.76
C LEU B 54 -6.95 23.65 9.39
N GLN B 55 -6.88 22.82 8.36
CA GLN B 55 -7.24 23.25 7.02
C GLN B 55 -8.74 23.54 6.96
N SER B 56 -9.12 24.45 6.07
CA SER B 56 -10.53 24.79 5.92
C SER B 56 -11.32 23.54 5.54
N GLY B 57 -12.51 23.41 6.12
CA GLY B 57 -13.37 22.28 5.86
C GLY B 57 -13.08 21.04 6.69
N VAL B 58 -12.01 21.04 7.47
CA VAL B 58 -11.69 19.87 8.31
C VAL B 58 -12.55 19.90 9.57
N PRO B 59 -13.20 18.80 9.95
CA PRO B 59 -14.07 18.81 11.12
C PRO B 59 -13.32 19.09 12.42
N SER B 60 -14.07 19.57 13.41
CA SER B 60 -13.51 20.02 14.68
C SER B 60 -12.89 18.89 15.49
N ARG B 61 -13.27 17.64 15.25
CA ARG B 61 -12.75 16.54 16.05
C ARG B 61 -11.27 16.29 15.79
N PHE B 62 -10.68 16.90 14.76
CA PHE B 62 -9.27 16.75 14.47
C PHE B 62 -8.48 17.87 15.15
N SER B 63 -7.37 17.51 15.78
CA SER B 63 -6.46 18.53 16.30
C SER B 63 -5.05 18.01 16.24
N GLY B 64 -4.11 18.94 16.16
CA GLY B 64 -2.70 18.60 16.17
C GLY B 64 -1.96 19.44 17.19
N SER B 65 -0.92 18.86 17.78
CA SER B 65 -0.09 19.59 18.71
C SER B 65 1.33 19.05 18.65
N GLY B 66 2.23 19.82 19.23
CA GLY B 66 3.64 19.44 19.29
C GLY B 66 4.51 20.56 18.79
N TYR B 67 5.71 20.64 19.34
CA TYR B 67 6.71 21.61 18.92
C TYR B 67 8.07 21.04 19.28
N GLY B 68 8.93 20.90 18.28
CA GLY B 68 10.24 20.30 18.49
C GLY B 68 10.38 18.97 17.79
N THR B 69 10.18 17.87 18.52
CA THR B 69 10.36 16.54 17.97
C THR B 69 9.13 15.63 18.11
N ASP B 70 8.26 15.86 19.08
CA ASP B 70 7.13 14.98 19.35
C ASP B 70 5.83 15.67 18.93
N PHE B 71 5.09 15.04 18.01
CA PHE B 71 3.86 15.61 17.49
C PHE B 71 2.74 14.58 17.60
N THR B 72 1.51 15.06 17.79
CA THR B 72 0.35 14.20 17.94
C THR B 72 -0.80 14.71 17.10
N LEU B 73 -1.48 13.77 16.44
CA LEU B 73 -2.77 14.00 15.81
C LEU B 73 -3.82 13.27 16.65
N ILE B 74 -4.86 14.00 17.07
CA ILE B 74 -5.92 13.45 17.89
C ILE B 74 -7.22 13.56 17.14
N ILE B 75 -7.98 12.46 17.09
CA ILE B 75 -9.34 12.46 16.60
C ILE B 75 -10.24 12.18 17.81
N SER B 76 -11.06 13.17 18.19
CA SER B 76 -11.74 13.10 19.48
C SER B 76 -13.01 12.25 19.47
N SER B 77 -13.62 12.02 18.30
CA SER B 77 -14.90 11.30 18.22
C SER B 77 -14.94 10.59 16.86
N LEU B 78 -14.30 9.43 16.81
CA LEU B 78 -14.04 8.73 15.56
C LEU B 78 -15.33 8.47 14.78
N GLN B 79 -15.33 8.87 13.50
CA GLN B 79 -16.44 8.65 12.58
C GLN B 79 -16.07 7.58 11.55
N PRO B 80 -17.06 6.94 10.93
CA PRO B 80 -16.74 5.91 9.91
C PRO B 80 -15.88 6.44 8.79
N GLU B 81 -16.08 7.68 8.37
CA GLU B 81 -15.25 8.23 7.30
C GLU B 81 -13.81 8.47 7.74
N ASP B 82 -13.49 8.36 9.04
CA ASP B 82 -12.14 8.55 9.55
C ASP B 82 -11.29 7.29 9.51
N PHE B 83 -11.88 6.13 9.23
CA PHE B 83 -11.10 4.90 9.06
C PHE B 83 -10.32 5.03 7.77
N ALA B 84 -9.03 5.34 7.90
CA ALA B 84 -8.21 5.79 6.79
C ALA B 84 -6.75 5.71 7.23
N THR B 85 -5.85 6.08 6.33
CA THR B 85 -4.43 6.13 6.64
C THR B 85 -4.00 7.58 6.81
N TYR B 86 -3.19 7.83 7.84
CA TYR B 86 -2.72 9.17 8.19
C TYR B 86 -1.21 9.24 8.08
N PHE B 87 -0.71 10.32 7.49
CA PHE B 87 0.72 10.54 7.30
C PHE B 87 1.11 11.89 7.90
N CYS B 88 2.20 11.90 8.67
CA CYS B 88 2.87 13.14 9.01
C CYS B 88 3.89 13.49 7.92
N GLN B 89 4.27 14.76 7.88
CA GLN B 89 5.19 15.25 6.85
C GLN B 89 5.96 16.43 7.41
N GLU B 90 7.28 16.31 7.49
CA GLU B 90 8.11 17.44 7.89
C GLU B 90 8.24 18.42 6.74
N SER B 91 8.11 19.71 7.06
CA SER B 91 8.27 20.79 6.10
C SER B 91 9.47 21.66 6.45
N TYR B 92 10.37 21.16 7.28
CA TYR B 92 11.55 21.91 7.71
C TYR B 92 12.61 21.94 6.60
N SER B 93 12.75 20.85 5.85
CA SER B 93 13.80 20.74 4.84
C SER B 93 13.33 19.88 3.67
N SER B 94 13.80 20.23 2.47
CA SER B 94 13.44 19.54 1.26
C SER B 94 14.43 18.44 0.88
N THR B 95 15.51 18.27 1.64
CA THR B 95 16.57 17.34 1.25
C THR B 95 16.50 15.94 1.86
N PRO B 96 15.73 15.69 2.93
CA PRO B 96 15.72 14.33 3.49
C PRO B 96 15.31 13.27 2.49
N THR B 97 15.81 12.06 2.70
CA THR B 97 15.46 10.95 1.82
C THR B 97 13.96 10.65 1.86
N HIS B 98 13.35 10.76 3.04
CA HIS B 98 11.91 10.51 3.22
C HIS B 98 11.34 11.62 4.09
N ILE B 99 10.49 12.49 3.50
CA ILE B 99 9.91 13.59 4.29
C ILE B 99 8.58 13.24 4.94
N PHE B 100 7.95 12.13 4.56
CA PHE B 100 6.74 11.64 5.19
C PHE B 100 7.04 10.50 6.16
N GLY B 101 6.24 10.43 7.22
CA GLY B 101 6.15 9.20 7.98
C GLY B 101 5.59 8.06 7.16
N LEU B 102 5.78 6.84 7.66
CA LEU B 102 5.37 5.65 6.92
C LEU B 102 3.87 5.42 6.98
N GLY B 103 3.16 6.11 7.84
CA GLY B 103 1.71 6.05 7.84
C GLY B 103 1.16 5.26 9.01
N THR B 104 -0.04 5.64 9.44
CA THR B 104 -0.81 4.93 10.45
C THR B 104 -2.16 4.59 9.83
N LYS B 105 -2.51 3.31 9.82
CA LYS B 105 -3.80 2.85 9.31
C LYS B 105 -4.76 2.67 10.48
N LEU B 106 -5.87 3.39 10.45
CA LEU B 106 -6.87 3.32 11.51
C LEU B 106 -7.89 2.25 11.11
N GLU B 107 -7.98 1.20 11.94
CA GLU B 107 -8.78 0.02 11.68
C GLU B 107 -9.88 -0.10 12.73
N LYS B 108 -10.85 -0.97 12.47
CA LYS B 108 -11.97 -1.17 13.38
C LYS B 108 -11.60 -2.12 14.51
N LYS B 109 -11.99 -1.77 15.73
CA LYS B 109 -11.64 -2.53 16.92
C LYS B 109 -12.62 -3.68 17.14
N ARG B 110 -12.10 -4.81 17.60
CA ARG B 110 -12.90 -5.96 18.02
C ARG B 110 -12.06 -6.76 19.01
N THR B 111 -12.57 -7.92 19.41
CA THR B 111 -11.87 -8.80 20.34
C THR B 111 -10.79 -9.62 19.64
N VAL B 112 -9.78 -10.02 20.41
CA VAL B 112 -8.71 -10.86 19.88
C VAL B 112 -9.30 -12.16 19.36
N ALA B 113 -8.78 -12.61 18.22
CA ALA B 113 -9.18 -13.88 17.60
C ALA B 113 -7.94 -14.54 17.03
N ALA B 114 -7.64 -15.75 17.48
CA ALA B 114 -6.48 -16.47 16.97
C ALA B 114 -6.74 -16.97 15.55
N PRO B 115 -5.71 -17.07 14.72
CA PRO B 115 -5.91 -17.60 13.37
C PRO B 115 -6.15 -19.10 13.41
N SER B 116 -7.00 -19.55 12.49
CA SER B 116 -7.03 -20.94 12.08
C SER B 116 -5.97 -21.13 11.00
N VAL B 117 -5.17 -22.19 11.10
CA VAL B 117 -4.00 -22.37 10.25
C VAL B 117 -4.21 -23.59 9.37
N PHE B 118 -3.89 -23.44 8.08
CA PHE B 118 -4.06 -24.47 7.07
C PHE B 118 -2.81 -24.50 6.19
N ILE B 119 -2.44 -25.69 5.72
CA ILE B 119 -1.29 -25.80 4.82
C ILE B 119 -1.68 -26.60 3.59
N PHE B 120 -1.10 -26.23 2.45
CA PHE B 120 -1.40 -26.84 1.16
C PHE B 120 -0.11 -27.24 0.47
N PRO B 121 0.07 -28.51 0.13
CA PRO B 121 1.25 -28.92 -0.65
C PRO B 121 1.14 -28.46 -2.09
N PRO B 122 2.23 -28.48 -2.84
CA PRO B 122 2.15 -28.19 -4.27
C PRO B 122 1.35 -29.26 -5.01
N SER B 123 0.70 -28.84 -6.09
CA SER B 123 -0.02 -29.75 -6.95
C SER B 123 0.92 -30.51 -7.88
N ASP B 124 0.49 -31.71 -8.28
CA ASP B 124 1.28 -32.48 -9.24
C ASP B 124 1.42 -31.73 -10.56
N GLU B 125 0.40 -30.96 -10.96
CA GLU B 125 0.48 -30.21 -12.21
C GLU B 125 1.60 -29.18 -12.16
N GLN B 126 1.71 -28.46 -11.04
CA GLN B 126 2.77 -27.46 -10.93
C GLN B 126 4.14 -28.11 -10.92
N LEU B 127 4.30 -29.18 -10.13
CA LEU B 127 5.59 -29.87 -10.06
C LEU B 127 6.05 -30.30 -11.44
N LYS B 128 5.13 -30.77 -12.27
CA LYS B 128 5.49 -31.18 -13.62
C LYS B 128 6.12 -30.04 -14.39
N SER B 129 5.74 -28.81 -14.08
CA SER B 129 6.26 -27.63 -14.77
C SER B 129 7.58 -27.14 -14.19
N GLY B 130 8.05 -27.72 -13.08
CA GLY B 130 9.38 -27.44 -12.57
C GLY B 130 9.44 -26.61 -11.30
N THR B 131 8.29 -26.23 -10.73
CA THR B 131 8.26 -25.36 -9.55
C THR B 131 7.32 -25.97 -8.51
N ALA B 132 7.56 -25.61 -7.25
CA ALA B 132 6.75 -26.07 -6.13
C ALA B 132 6.37 -24.87 -5.27
N SER B 133 5.09 -24.59 -5.19
CA SER B 133 4.54 -23.59 -4.27
C SER B 133 3.85 -24.29 -3.11
N VAL B 134 4.29 -23.99 -1.89
CA VAL B 134 3.65 -24.46 -0.66
C VAL B 134 2.94 -23.27 -0.05
N VAL B 135 1.67 -23.43 0.33
CA VAL B 135 0.87 -22.30 0.81
C VAL B 135 0.42 -22.55 2.24
N CYS B 136 0.65 -21.56 3.10
CA CYS B 136 0.15 -21.54 4.47
C CYS B 136 -0.89 -20.44 4.60
N LEU B 137 -2.07 -20.78 5.11
CA LEU B 137 -3.18 -19.84 5.27
C LEU B 137 -3.46 -19.61 6.75
N LEU B 138 -3.54 -18.34 7.14
CA LEU B 138 -3.99 -17.93 8.47
C LEU B 138 -5.32 -17.22 8.27
N ASN B 139 -6.38 -17.77 8.84
CA ASN B 139 -7.73 -17.33 8.50
C ASN B 139 -8.41 -16.68 9.70
N ASN B 140 -8.98 -15.49 9.47
CA ASN B 140 -9.97 -14.88 10.34
C ASN B 140 -9.40 -14.58 11.73
N PHE B 141 -8.31 -13.83 11.74
CA PHE B 141 -7.64 -13.48 13.00
C PHE B 141 -7.69 -11.97 13.24
N TYR B 142 -7.43 -11.60 14.50
CA TYR B 142 -7.35 -10.20 14.90
C TYR B 142 -6.52 -10.11 16.17
N PRO B 143 -5.61 -9.13 16.31
CA PRO B 143 -5.32 -8.04 15.37
C PRO B 143 -4.45 -8.48 14.20
N ARG B 144 -4.01 -7.53 13.38
CA ARG B 144 -3.39 -7.85 12.11
C ARG B 144 -1.99 -8.42 12.27
N GLU B 145 -1.29 -8.04 13.34
CA GLU B 145 0.09 -8.45 13.51
C GLU B 145 0.20 -9.96 13.64
N ALA B 146 1.06 -10.57 12.81
CA ALA B 146 1.23 -12.01 12.81
C ALA B 146 2.58 -12.32 12.17
N LYS B 147 3.16 -13.43 12.61
CA LYS B 147 4.46 -13.89 12.09
C LYS B 147 4.31 -15.30 11.59
N VAL B 148 4.83 -15.55 10.39
CA VAL B 148 4.86 -16.87 9.77
C VAL B 148 6.32 -17.21 9.50
N GLN B 149 6.75 -18.38 9.96
CA GLN B 149 8.10 -18.86 9.72
C GLN B 149 8.01 -20.21 9.02
N TRP B 150 8.73 -20.35 7.91
CA TRP B 150 8.77 -21.60 7.17
C TRP B 150 9.99 -22.41 7.59
N LYS B 151 9.79 -23.72 7.75
CA LYS B 151 10.89 -24.63 8.03
C LYS B 151 10.76 -25.83 7.10
N VAL B 152 11.88 -26.23 6.52
CA VAL B 152 11.96 -27.39 5.63
C VAL B 152 13.01 -28.32 6.22
N ASP B 153 12.60 -29.51 6.63
CA ASP B 153 13.45 -30.42 7.39
C ASP B 153 14.17 -29.67 8.51
N ASN B 154 13.41 -28.83 9.22
CA ASN B 154 13.86 -28.06 10.37
C ASN B 154 14.83 -26.94 10.04
N ALA B 155 15.09 -26.68 8.76
CA ALA B 155 15.90 -25.53 8.38
C ALA B 155 14.98 -24.33 8.17
N LEU B 156 15.29 -23.24 8.86
CA LEU B 156 14.52 -22.02 8.71
C LEU B 156 14.72 -21.44 7.32
N GLN B 157 13.62 -21.15 6.63
CA GLN B 157 13.65 -20.58 5.28
C GLN B 157 13.51 -19.07 5.35
N SER B 158 14.27 -18.39 4.49
CA SER B 158 14.22 -16.94 4.44
C SER B 158 14.52 -16.51 3.01
N GLY B 159 13.75 -15.56 2.52
CA GLY B 159 13.99 -15.00 1.20
C GLY B 159 13.29 -15.71 0.07
N ASN B 160 12.60 -16.83 0.34
CA ASN B 160 11.91 -17.58 -0.69
C ASN B 160 10.41 -17.70 -0.40
N SER B 161 9.86 -16.73 0.33
CA SER B 161 8.42 -16.69 0.56
C SER B 161 7.89 -15.26 0.42
N GLN B 162 6.60 -15.17 0.12
CA GLN B 162 5.90 -13.89 0.07
C GLN B 162 4.55 -14.02 0.75
N GLU B 163 4.13 -12.93 1.40
CA GLU B 163 2.89 -12.87 2.14
C GLU B 163 1.95 -11.83 1.52
N SER B 164 0.65 -12.07 1.69
CA SER B 164 -0.39 -11.12 1.32
C SER B 164 -1.46 -11.18 2.39
N VAL B 165 -2.07 -10.04 2.72
CA VAL B 165 -3.10 -9.98 3.75
CA VAL B 165 -3.07 -9.92 3.77
C VAL B 165 -4.31 -9.26 3.20
N THR B 166 -5.49 -9.77 3.56
CA THR B 166 -6.73 -9.14 3.13
C THR B 166 -6.98 -7.85 3.90
N GLU B 167 -7.81 -7.00 3.34
CA GLU B 167 -8.33 -5.90 4.13
C GLU B 167 -9.25 -6.44 5.21
N GLN B 168 -9.41 -5.65 6.26
CA GLN B 168 -10.29 -6.04 7.35
C GLN B 168 -11.66 -6.40 6.82
N ASP B 169 -12.17 -7.54 7.28
CA ASP B 169 -13.46 -8.02 6.80
C ASP B 169 -14.57 -7.09 7.27
N SER B 170 -15.52 -6.82 6.37
CA SER B 170 -16.56 -5.84 6.68
C SER B 170 -17.56 -6.36 7.71
N LYS B 171 -17.71 -7.69 7.82
CA LYS B 171 -18.74 -8.27 8.66
C LYS B 171 -18.22 -8.75 10.01
N ASP B 172 -16.98 -9.22 10.11
CA ASP B 172 -16.44 -9.67 11.38
C ASP B 172 -15.13 -9.00 11.76
N SER B 173 -14.63 -8.07 10.95
CA SER B 173 -13.50 -7.22 11.28
C SER B 173 -12.20 -8.01 11.46
N THR B 174 -12.10 -9.20 10.88
CA THR B 174 -10.89 -9.99 10.96
C THR B 174 -10.04 -9.84 9.70
N TYR B 175 -8.84 -10.39 9.78
CA TYR B 175 -7.89 -10.45 8.68
C TYR B 175 -7.63 -11.90 8.31
N SER B 176 -7.19 -12.12 7.07
CA SER B 176 -6.60 -13.38 6.68
C SER B 176 -5.29 -13.12 5.96
N LEU B 177 -4.41 -14.12 5.99
CA LEU B 177 -3.06 -13.97 5.48
C LEU B 177 -2.65 -15.26 4.78
N SER B 178 -2.02 -15.11 3.62
CA SER B 178 -1.47 -16.24 2.88
C SER B 178 0.03 -16.05 2.79
N SER B 179 0.77 -17.12 3.04
CA SER B 179 2.21 -17.12 2.85
C SER B 179 2.56 -18.26 1.89
N THR B 180 3.28 -17.93 0.82
CA THR B 180 3.64 -18.90 -0.20
C THR B 180 5.15 -19.07 -0.22
N LEU B 181 5.59 -20.31 -0.01
CA LEU B 181 6.99 -20.72 -0.12
C LEU B 181 7.18 -21.29 -1.51
N THR B 182 8.14 -20.75 -2.26
CA THR B 182 8.38 -21.21 -3.62
C THR B 182 9.77 -21.82 -3.71
N LEU B 183 9.82 -23.04 -4.22
CA LEU B 183 11.04 -23.80 -4.41
C LEU B 183 11.05 -24.38 -5.82
N SER B 184 12.23 -24.76 -6.28
CA SER B 184 12.28 -25.57 -7.49
C SER B 184 11.75 -26.98 -7.20
N LYS B 185 11.29 -27.64 -8.26
CA LYS B 185 10.90 -29.04 -8.13
C LYS B 185 12.05 -29.87 -7.55
N ALA B 186 13.26 -29.64 -8.04
CA ALA B 186 14.40 -30.43 -7.57
C ALA B 186 14.62 -30.25 -6.07
N ASP B 187 14.55 -29.00 -5.60
CA ASP B 187 14.71 -28.73 -4.18
C ASP B 187 13.58 -29.33 -3.37
N TYR B 188 12.33 -29.23 -3.87
CA TYR B 188 11.21 -29.78 -3.15
C TYR B 188 11.35 -31.29 -2.97
N GLU B 189 11.87 -31.97 -3.97
CA GLU B 189 12.02 -33.42 -3.92
C GLU B 189 13.27 -33.88 -3.18
N LYS B 190 14.08 -32.97 -2.62
CA LYS B 190 15.20 -33.38 -1.79
C LYS B 190 14.96 -33.14 -0.31
N HIS B 191 13.72 -32.85 0.09
CA HIS B 191 13.40 -32.64 1.49
C HIS B 191 12.06 -33.28 1.82
N LYS B 192 11.86 -33.64 3.08
CA LYS B 192 10.69 -34.39 3.50
C LYS B 192 9.62 -33.55 4.20
N VAL B 193 9.97 -32.79 5.25
CA VAL B 193 8.98 -32.16 6.12
C VAL B 193 8.88 -30.68 5.80
N TYR B 194 7.65 -30.22 5.57
CA TYR B 194 7.37 -28.82 5.26
C TYR B 194 6.45 -28.27 6.33
N ALA B 195 6.87 -27.17 6.98
CA ALA B 195 6.19 -26.68 8.15
C ALA B 195 6.04 -25.16 8.12
N CYS B 196 4.85 -24.71 8.51
CA CYS B 196 4.52 -23.30 8.71
C CYS B 196 4.28 -23.09 10.20
N GLU B 197 5.08 -22.21 10.82
CA GLU B 197 4.96 -21.89 12.25
C GLU B 197 4.41 -20.47 12.42
N VAL B 198 3.33 -20.36 13.19
CA VAL B 198 2.54 -19.13 13.26
C VAL B 198 2.58 -18.58 14.68
N THR B 199 2.93 -17.31 14.80
CA THR B 199 2.93 -16.59 16.06
C THR B 199 1.89 -15.48 15.99
N HIS B 200 1.06 -15.39 17.02
CA HIS B 200 -0.03 -14.40 17.05
C HIS B 200 -0.49 -14.23 18.48
N GLN B 201 -0.92 -13.00 18.80
CA GLN B 201 -1.31 -12.66 20.17
C GLN B 201 -2.39 -13.57 20.73
N GLY B 202 -3.25 -14.11 19.88
CA GLY B 202 -4.32 -15.00 20.31
C GLY B 202 -3.89 -16.41 20.64
N LEU B 203 -2.62 -16.73 20.37
CA LEU B 203 -2.07 -18.05 20.60
C LEU B 203 -1.16 -18.01 21.82
N SER B 204 -1.38 -18.91 22.78
CA SER B 204 -0.52 -18.97 23.95
C SER B 204 0.91 -19.34 23.59
N SER B 205 1.08 -20.11 22.51
CA SER B 205 2.41 -20.43 22.00
C SER B 205 2.30 -20.60 20.49
N PRO B 206 3.41 -20.56 19.77
CA PRO B 206 3.34 -20.69 18.31
C PRO B 206 2.74 -22.02 17.89
N VAL B 207 1.96 -21.98 16.81
CA VAL B 207 1.29 -23.15 16.26
C VAL B 207 2.01 -23.55 14.97
N THR B 208 2.27 -24.85 14.82
CA THR B 208 2.88 -25.38 13.62
C THR B 208 1.89 -26.25 12.85
N LYS B 209 1.76 -26.00 11.55
CA LYS B 209 1.13 -26.91 10.61
C LYS B 209 2.18 -27.44 9.66
N SER B 210 2.24 -28.75 9.50
CA SER B 210 3.30 -29.34 8.68
C SER B 210 2.79 -30.59 8.00
N PHE B 211 3.47 -30.98 6.92
CA PHE B 211 3.24 -32.26 6.26
C PHE B 211 4.56 -32.88 5.86
N ASN B 212 4.50 -34.18 5.60
CA ASN B 212 5.66 -34.97 5.16
C ASN B 212 5.36 -35.53 3.78
N ARG B 213 6.27 -35.27 2.82
CA ARG B 213 6.08 -35.76 1.46
C ARG B 213 5.87 -37.27 1.40
N GLY B 214 6.36 -38.02 2.38
CA GLY B 214 6.09 -39.46 2.41
C GLY B 214 4.63 -39.80 2.56
N GLU B 215 3.83 -38.87 3.07
CA GLU B 215 2.40 -39.09 3.28
C GLU B 215 1.58 -38.01 2.61
N CYS B 216 2.12 -37.39 1.56
CA CYS B 216 1.49 -36.23 0.96
C CYS B 216 2.01 -35.97 -0.43
N LYS C 3 0.91 40.12 -9.15
CA LYS C 3 0.68 38.89 -8.40
C LYS C 3 1.29 38.99 -7.00
N TRP C 4 0.47 38.71 -5.99
CA TRP C 4 0.88 38.77 -4.59
C TRP C 4 0.47 37.47 -3.92
N ASN C 5 1.40 36.84 -3.20
CA ASN C 5 1.07 35.63 -2.46
C ASN C 5 2.00 35.50 -1.27
N TRP C 6 1.85 34.38 -0.56
CA TRP C 6 2.59 34.12 0.66
C TRP C 6 4.11 34.21 0.47
N PHE C 7 4.60 33.87 -0.72
CA PHE C 7 6.05 33.89 -0.93
C PHE C 7 6.55 35.32 -1.00
N ASP C 8 5.76 36.21 -1.60
CA ASP C 8 6.12 37.63 -1.62
C ASP C 8 6.27 38.17 -0.20
N ILE C 9 5.29 37.88 0.66
CA ILE C 9 5.36 38.34 2.05
C ILE C 9 6.62 37.79 2.71
N THR C 10 6.89 36.49 2.51
CA THR C 10 8.09 35.90 3.07
C THR C 10 9.34 36.64 2.61
N ASN C 11 9.41 37.00 1.33
CA ASN C 11 10.59 37.68 0.82
C ASN C 11 10.74 39.07 1.42
N TRP C 12 9.62 39.80 1.57
CA TRP C 12 9.70 41.12 2.20
C TRP C 12 10.18 41.00 3.64
N LEU C 13 9.74 39.96 4.36
CA LEU C 13 10.14 39.80 5.75
C LEU C 13 11.62 39.47 5.85
N TRP C 14 12.14 38.67 4.92
CA TRP C 14 13.58 38.45 4.85
C TRP C 14 14.31 39.77 4.66
N TYR C 15 13.86 40.60 3.71
CA TYR C 15 14.53 41.86 3.43
C TYR C 15 14.54 42.75 4.67
N ILE C 16 13.47 42.72 5.46
CA ILE C 16 13.40 43.54 6.67
C ILE C 16 14.39 43.04 7.71
N ARG C 17 14.45 41.72 7.92
CA ARG C 17 15.36 41.19 8.93
C ARG C 17 16.82 41.46 8.58
N LYS C 18 17.14 41.56 7.29
CA LYS C 18 18.49 41.87 6.85
C LYS C 18 18.70 43.38 6.60
N LYS C 19 17.85 44.22 7.18
CA LYS C 19 17.96 45.67 7.01
C LYS C 19 17.49 46.10 5.63
#